data_7DC7
#
_entry.id   7DC7
#
_cell.length_a   62.962
_cell.length_b   68.085
_cell.length_c   102.993
_cell.angle_alpha   90.000
_cell.angle_beta   90.000
_cell.angle_gamma   90.000
#
_symmetry.space_group_name_H-M   'P 21 21 21'
#
loop_
_entity.id
_entity.type
_entity.pdbx_description
1 polymer 'D12 Fab heavy chain'
2 polymer 'D12 Fab light chain'
3 non-polymer "ADENOSINE-5'-TRIPHOSPHATE"
4 water water
#
loop_
_entity_poly.entity_id
_entity_poly.type
_entity_poly.pdbx_seq_one_letter_code
_entity_poly.pdbx_strand_id
1 'polypeptide(L)'
;(PCA)VQLQESGGDLVKPGGSLRLSCAASGFTFNTYTMNWVRQAPGKGLEWLSSISSRSNYINYADSVKGRFTISRDNAK
NSLYLQMNSLRAEDTAVYYCARFGRKGDLNWVFDYWGQGTLVTVSSASTKGPSVFPLAPSSKSTSGGTAALGCLVKDYFP
EPVTVSWNSGALTSGVHTFPAVLQSSGLYSLSSVVTVPSSSLGTQTYICNVNHKPSNTKVDKKVEPKSCDK
;
A
2 'polypeptide(L)'
;QSALTQPPSASGSPGQSVTISCTGTSSDVGGYNYVSWYQQHPGKAPKLMIYEVSKRPSGVPDRFSGSKSGNTASLTVSGL
QAEDEADYFCSSYAGSNNVVFGGGTKLTVLGQPKAAPSVTLFPPSSEELQANKATLVCLISDFYPGAVTVAWKADSSPVK
AGVETTTPSKQSNNKYAASSYLSLTPEQWKSHRSYSCQVTHEGSTVEKTVAPTECS
;
B
#
# COMPACT_ATOMS: atom_id res chain seq x y z
N VAL A 2 19.69 -3.58 -10.82
CA VAL A 2 19.38 -4.63 -9.85
C VAL A 2 17.87 -4.73 -9.77
N GLN A 3 17.33 -5.93 -9.98
CA GLN A 3 15.89 -6.13 -9.91
C GLN A 3 15.57 -7.39 -9.13
N LEU A 4 14.57 -7.29 -8.26
CA LEU A 4 13.99 -8.43 -7.56
C LEU A 4 12.48 -8.36 -7.72
N GLN A 5 11.84 -9.49 -8.02
CA GLN A 5 10.39 -9.51 -8.11
C GLN A 5 9.87 -10.82 -7.52
N GLU A 6 9.03 -10.69 -6.49
CA GLU A 6 8.40 -11.81 -5.83
C GLU A 6 7.13 -12.24 -6.55
N SER A 7 6.78 -13.51 -6.39
CA SER A 7 5.55 -14.05 -6.94
CA SER A 7 5.54 -14.05 -6.92
C SER A 7 5.08 -15.21 -6.06
N GLY A 8 3.78 -15.51 -6.15
CA GLY A 8 3.21 -16.63 -5.44
C GLY A 8 2.25 -16.28 -4.32
N GLY A 9 2.18 -15.01 -3.92
CA GLY A 9 1.27 -14.64 -2.85
C GLY A 9 -0.16 -14.97 -3.22
N ASP A 10 -0.93 -15.43 -2.23
CA ASP A 10 -2.26 -15.96 -2.50
C ASP A 10 -2.98 -16.16 -1.17
N LEU A 11 -4.25 -16.50 -1.27
CA LEU A 11 -5.02 -16.96 -0.13
C LEU A 11 -4.68 -18.41 0.18
N VAL A 12 -4.50 -18.72 1.46
CA VAL A 12 -4.21 -20.08 1.91
C VAL A 12 -4.90 -20.32 3.24
N LYS A 13 -5.41 -21.55 3.45
CA LYS A 13 -6.18 -21.89 4.66
C LYS A 13 -5.24 -22.12 5.85
N PRO A 14 -5.69 -21.81 7.06
CA PRO A 14 -4.87 -22.12 8.24
C PRO A 14 -4.45 -23.58 8.20
N GLY A 15 -3.21 -23.83 8.63
CA GLY A 15 -2.63 -25.16 8.52
C GLY A 15 -2.20 -25.55 7.13
N GLY A 16 -2.50 -24.74 6.11
CA GLY A 16 -2.11 -25.07 4.74
C GLY A 16 -0.66 -24.72 4.43
N SER A 17 -0.29 -24.93 3.16
CA SER A 17 1.06 -24.67 2.64
C SER A 17 1.02 -23.78 1.39
N LEU A 18 2.13 -23.08 1.16
CA LEU A 18 2.24 -22.18 0.01
C LEU A 18 3.72 -22.00 -0.29
N ARG A 19 4.05 -21.78 -1.57
CA ARG A 19 5.43 -21.64 -2.02
C ARG A 19 5.61 -20.33 -2.77
N LEU A 20 6.54 -19.49 -2.31
CA LEU A 20 6.81 -18.21 -2.93
C LEU A 20 8.07 -18.29 -3.80
N SER A 21 8.12 -17.42 -4.81
CA SER A 21 9.27 -17.32 -5.71
C SER A 21 9.78 -15.89 -5.77
N CYS A 22 11.06 -15.77 -6.09
CA CYS A 22 11.65 -14.46 -6.34
C CYS A 22 12.59 -14.62 -7.53
N ALA A 23 12.41 -13.78 -8.54
CA ALA A 23 13.27 -13.75 -9.71
C ALA A 23 14.20 -12.56 -9.61
N ALA A 24 15.50 -12.79 -9.79
CA ALA A 24 16.47 -11.71 -9.72
C ALA A 24 17.11 -11.49 -11.09
N SER A 25 17.54 -10.26 -11.32
CA SER A 25 18.32 -9.94 -12.52
C SER A 25 19.17 -8.72 -12.22
N GLY A 26 20.15 -8.49 -13.08
CA GLY A 26 20.96 -7.28 -12.98
C GLY A 26 22.11 -7.35 -12.02
N PHE A 27 22.43 -8.53 -11.48
CA PHE A 27 23.60 -8.70 -10.64
C PHE A 27 23.98 -10.16 -10.66
N THR A 28 25.15 -10.46 -10.09
CA THR A 28 25.69 -11.82 -10.15
C THR A 28 25.05 -12.62 -9.03
N PHE A 29 23.87 -13.16 -9.33
CA PHE A 29 23.02 -13.77 -8.31
C PHE A 29 23.76 -14.88 -7.57
N ASN A 30 24.55 -15.69 -8.27
CA ASN A 30 25.15 -16.83 -7.61
C ASN A 30 26.32 -16.47 -6.69
N THR A 31 26.55 -15.18 -6.43
CA THR A 31 27.55 -14.78 -5.44
C THR A 31 26.94 -14.12 -4.21
N TYR A 32 25.62 -14.06 -4.13
CA TYR A 32 24.92 -13.33 -3.08
C TYR A 32 24.14 -14.27 -2.18
N THR A 33 24.12 -13.94 -0.87
CA THR A 33 23.23 -14.57 0.10
C THR A 33 21.90 -13.83 0.06
N MET A 34 20.80 -14.59 -0.06
CA MET A 34 19.48 -14.03 -0.27
C MET A 34 18.61 -14.30 0.95
N ASN A 35 17.53 -13.52 1.07
CA ASN A 35 16.74 -13.52 2.30
C ASN A 35 15.25 -13.41 1.97
N TRP A 36 14.43 -13.90 2.89
CA TRP A 36 13.01 -13.54 2.96
C TRP A 36 12.79 -12.73 4.23
N VAL A 37 12.08 -11.61 4.07
CA VAL A 37 11.67 -10.73 5.14
C VAL A 37 10.18 -10.47 4.94
N ARG A 38 9.42 -10.34 6.03
CA ARG A 38 8.00 -10.12 5.86
C ARG A 38 7.55 -8.90 6.66
N GLN A 39 6.35 -8.41 6.34
CA GLN A 39 5.78 -7.27 7.06
C GLN A 39 4.29 -7.54 7.21
N ALA A 40 3.88 -7.91 8.42
CA ALA A 40 2.46 -8.09 8.70
C ALA A 40 1.74 -6.76 8.62
N PRO A 41 0.45 -6.76 8.26
CA PRO A 41 -0.27 -5.49 8.09
C PRO A 41 -0.16 -4.59 9.31
N GLY A 42 0.31 -3.37 9.08
CA GLY A 42 0.49 -2.39 10.13
C GLY A 42 1.61 -2.68 11.12
N LYS A 43 2.41 -3.72 10.89
CA LYS A 43 3.51 -4.07 11.78
C LYS A 43 4.84 -3.69 11.13
N GLY A 44 5.93 -3.96 11.85
CA GLY A 44 7.27 -3.69 11.34
C GLY A 44 7.79 -4.84 10.51
N LEU A 45 9.00 -4.67 10.00
CA LEU A 45 9.63 -5.72 9.22
C LEU A 45 10.11 -6.87 10.10
N GLU A 46 10.12 -8.08 9.54
CA GLU A 46 10.57 -9.26 10.28
C GLU A 46 11.42 -10.14 9.36
N TRP A 47 12.71 -10.27 9.66
CA TRP A 47 13.56 -11.17 8.90
C TRP A 47 13.21 -12.62 9.22
N LEU A 48 13.15 -13.45 8.18
CA LEU A 48 12.70 -14.82 8.35
C LEU A 48 13.80 -15.86 8.14
N SER A 49 14.61 -15.70 7.09
CA SER A 49 15.50 -16.77 6.66
C SER A 49 16.53 -16.21 5.67
N SER A 50 17.73 -16.78 5.73
CA SER A 50 18.80 -16.47 4.78
C SER A 50 19.34 -17.76 4.17
N ILE A 51 19.80 -17.69 2.92
CA ILE A 51 20.43 -18.81 2.24
C ILE A 51 21.67 -18.32 1.49
N SER A 52 22.81 -18.94 1.76
CA SER A 52 24.06 -18.52 1.16
C SER A 52 24.11 -18.89 -0.32
N SER A 53 25.20 -18.46 -0.98
CA SER A 53 25.33 -18.62 -2.43
C SER A 53 25.25 -20.09 -2.84
N ARG A 54 25.86 -20.98 -2.06
CA ARG A 54 25.90 -22.41 -2.40
C ARG A 54 24.77 -23.20 -1.75
N SER A 55 23.87 -22.53 -1.05
CA SER A 55 22.77 -23.10 -0.27
C SER A 55 23.25 -23.92 0.94
N ASN A 56 24.50 -23.82 1.36
CA ASN A 56 24.96 -24.65 2.47
C ASN A 56 24.95 -23.96 3.82
N TYR A 57 24.74 -22.65 3.88
CA TYR A 57 24.54 -21.93 5.14
C TYR A 57 23.12 -21.37 5.12
N ILE A 58 22.26 -21.93 5.97
CA ILE A 58 20.86 -21.56 6.05
C ILE A 58 20.51 -21.24 7.49
N ASN A 59 19.86 -20.10 7.71
CA ASN A 59 19.45 -19.66 9.03
C ASN A 59 17.97 -19.32 9.02
N TYR A 60 17.29 -19.53 10.16
CA TYR A 60 15.88 -19.21 10.31
C TYR A 60 15.63 -18.42 11.58
N ALA A 61 14.67 -17.52 11.50
CA ALA A 61 14.16 -16.88 12.71
C ALA A 61 13.35 -17.89 13.52
N ASP A 62 13.32 -17.68 14.84
CA ASP A 62 12.54 -18.56 15.73
C ASP A 62 11.09 -18.67 15.29
N SER A 63 10.51 -17.57 14.80
CA SER A 63 9.10 -17.53 14.49
C SER A 63 8.70 -18.48 13.35
N VAL A 64 9.66 -18.96 12.56
CA VAL A 64 9.27 -19.78 11.42
C VAL A 64 10.04 -21.10 11.37
N LYS A 65 11.02 -21.25 12.25
CA LYS A 65 11.88 -22.43 12.21
C LYS A 65 11.03 -23.69 12.41
N GLY A 66 11.28 -24.70 11.58
CA GLY A 66 10.48 -25.91 11.59
C GLY A 66 9.17 -25.81 10.84
N ARG A 67 8.84 -24.65 10.29
CA ARG A 67 7.63 -24.50 9.49
C ARG A 67 7.92 -24.07 8.06
N PHE A 68 8.92 -23.18 7.85
CA PHE A 68 9.27 -22.66 6.55
C PHE A 68 10.63 -23.23 6.11
N THR A 69 10.77 -23.44 4.81
CA THR A 69 12.00 -23.97 4.22
C THR A 69 12.44 -23.08 3.07
N ILE A 70 13.67 -22.52 3.17
CA ILE A 70 14.21 -21.66 2.12
C ILE A 70 15.05 -22.51 1.17
N SER A 71 15.05 -22.15 -0.10
CA SER A 71 15.90 -22.81 -1.09
C SER A 71 16.10 -21.87 -2.27
N ARG A 72 17.01 -22.27 -3.17
CA ARG A 72 17.35 -21.42 -4.31
C ARG A 72 17.83 -22.28 -5.47
N ASP A 73 17.72 -21.72 -6.68
CA ASP A 73 18.17 -22.36 -7.92
C ASP A 73 18.97 -21.31 -8.67
N ASN A 74 20.30 -21.34 -8.53
CA ASN A 74 21.14 -20.33 -9.16
C ASN A 74 21.04 -20.35 -10.68
N ALA A 75 20.62 -21.49 -11.27
CA ALA A 75 20.48 -21.57 -12.71
C ALA A 75 19.30 -20.77 -13.22
N LYS A 76 18.27 -20.59 -12.39
CA LYS A 76 17.12 -19.79 -12.76
C LYS A 76 17.16 -18.38 -12.17
N ASN A 77 18.25 -18.01 -11.49
CA ASN A 77 18.34 -16.72 -10.80
C ASN A 77 17.15 -16.54 -9.85
N SER A 78 16.80 -17.61 -9.15
CA SER A 78 15.55 -17.66 -8.39
C SER A 78 15.75 -18.16 -6.96
N LEU A 79 14.92 -17.61 -6.07
CA LEU A 79 14.86 -17.95 -4.65
C LEU A 79 13.44 -18.43 -4.32
N TYR A 80 13.33 -19.33 -3.34
CA TYR A 80 12.04 -19.93 -2.98
C TYR A 80 11.85 -19.96 -1.46
N LEU A 81 10.58 -19.93 -1.05
CA LEU A 81 10.23 -20.15 0.35
C LEU A 81 9.02 -21.07 0.37
N GLN A 82 9.20 -22.26 0.97
CA GLN A 82 8.12 -23.21 1.17
C GLN A 82 7.57 -22.98 2.57
N MET A 83 6.32 -22.53 2.65
CA MET A 83 5.69 -22.25 3.93
C MET A 83 4.69 -23.35 4.26
N ASN A 84 4.84 -23.95 5.43
CA ASN A 84 3.92 -24.98 5.92
C ASN A 84 3.31 -24.53 7.24
N SER A 85 2.22 -25.19 7.62
CA SER A 85 1.60 -25.00 8.93
C SER A 85 1.27 -23.53 9.17
N LEU A 86 0.66 -22.91 8.16
CA LEU A 86 0.43 -21.48 8.19
C LEU A 86 -0.67 -21.11 9.17
N ARG A 87 -0.51 -19.94 9.78
CA ARG A 87 -1.45 -19.43 10.75
C ARG A 87 -1.83 -18.01 10.36
N ALA A 88 -2.89 -17.50 10.99
CA ALA A 88 -3.40 -16.18 10.64
C ALA A 88 -2.32 -15.11 10.77
N GLU A 89 -1.43 -15.25 11.77
CA GLU A 89 -0.37 -14.27 11.99
C GLU A 89 0.75 -14.37 10.98
N ASP A 90 0.73 -15.36 10.09
CA ASP A 90 1.64 -15.38 8.95
C ASP A 90 1.15 -14.52 7.78
N THR A 91 -0.05 -13.96 7.86
CA THR A 91 -0.53 -13.02 6.86
C THR A 91 0.40 -11.81 6.81
N ALA A 92 0.95 -11.54 5.64
CA ALA A 92 1.95 -10.48 5.52
C ALA A 92 2.32 -10.30 4.07
N VAL A 93 2.96 -9.16 3.79
CA VAL A 93 3.70 -9.01 2.54
C VAL A 93 5.06 -9.66 2.72
N TYR A 94 5.44 -10.51 1.76
CA TYR A 94 6.70 -11.25 1.83
C TYR A 94 7.67 -10.66 0.81
N TYR A 95 8.84 -10.25 1.29
CA TYR A 95 9.84 -9.60 0.47
C TYR A 95 11.03 -10.52 0.28
N CYS A 96 11.51 -10.54 -0.96
CA CYS A 96 12.83 -11.04 -1.31
C CYS A 96 13.84 -9.93 -1.05
N ALA A 97 14.94 -10.24 -0.38
CA ALA A 97 15.91 -9.21 -0.05
C ALA A 97 17.34 -9.74 -0.15
N ARG A 98 18.20 -8.97 -0.81
CA ARG A 98 19.61 -9.33 -0.97
C ARG A 98 20.43 -8.85 0.22
N PHE A 99 21.18 -9.76 0.85
CA PHE A 99 22.26 -9.31 1.75
C PHE A 99 23.32 -8.59 0.93
N GLY A 100 23.82 -7.49 1.45
CA GLY A 100 24.91 -6.79 0.76
C GLY A 100 26.15 -7.65 0.67
N ARG A 101 27.11 -7.17 -0.12
CA ARG A 101 28.36 -7.90 -0.32
C ARG A 101 29.02 -8.16 1.04
N LYS A 102 29.31 -9.43 1.30
CA LYS A 102 29.86 -9.79 2.60
C LYS A 102 31.16 -9.04 2.87
N GLY A 103 31.38 -8.71 4.14
CA GLY A 103 32.52 -7.91 4.57
C GLY A 103 32.29 -6.42 4.51
N ASP A 104 31.69 -5.95 3.42
CA ASP A 104 31.39 -4.54 3.23
C ASP A 104 30.04 -4.15 3.81
N LEU A 105 29.06 -5.03 3.71
CA LEU A 105 27.67 -4.74 4.09
C LEU A 105 27.08 -5.89 4.88
N ASN A 106 27.80 -6.34 5.91
CA ASN A 106 27.28 -7.38 6.79
C ASN A 106 25.97 -6.95 7.42
N TRP A 107 24.97 -7.82 7.39
CA TRP A 107 23.70 -7.66 8.11
C TRP A 107 22.87 -6.51 7.57
N VAL A 108 23.07 -6.21 6.29
CA VAL A 108 22.37 -5.15 5.56
C VAL A 108 21.65 -5.78 4.38
N PHE A 109 20.37 -5.42 4.20
CA PHE A 109 19.58 -5.82 3.04
C PHE A 109 19.67 -4.67 2.05
N ASP A 110 20.60 -4.76 1.10
CA ASP A 110 20.83 -3.57 0.29
C ASP A 110 19.89 -3.44 -0.90
N TYR A 111 19.11 -4.47 -1.23
CA TYR A 111 18.11 -4.36 -2.29
CA TYR A 111 18.09 -4.34 -2.27
C TYR A 111 16.93 -5.27 -1.96
N TRP A 112 15.72 -4.80 -2.27
CA TRP A 112 14.47 -5.48 -1.96
C TRP A 112 13.53 -5.50 -3.17
N GLY A 113 12.67 -6.52 -3.23
CA GLY A 113 11.54 -6.50 -4.15
C GLY A 113 10.38 -5.70 -3.58
N GLN A 114 9.33 -5.56 -4.40
CA GLN A 114 8.13 -4.87 -3.94
C GLN A 114 7.24 -5.73 -3.06
N GLY A 115 7.46 -7.04 -3.06
CA GLY A 115 6.78 -7.94 -2.15
C GLY A 115 5.52 -8.56 -2.72
N THR A 116 5.13 -9.69 -2.15
CA THR A 116 3.91 -10.38 -2.55
C THR A 116 3.08 -10.71 -1.32
N LEU A 117 1.77 -10.48 -1.40
CA LEU A 117 0.91 -10.53 -0.23
C LEU A 117 0.36 -11.94 -0.05
N VAL A 118 0.58 -12.52 1.13
CA VAL A 118 0.07 -13.83 1.52
C VAL A 118 -1.02 -13.60 2.56
N THR A 119 -2.20 -14.17 2.33
CA THR A 119 -3.32 -14.03 3.26
C THR A 119 -3.69 -15.43 3.75
N VAL A 120 -3.65 -15.62 5.06
CA VAL A 120 -4.01 -16.90 5.67
C VAL A 120 -5.39 -16.76 6.28
N SER A 121 -6.38 -17.43 5.69
CA SER A 121 -7.77 -17.30 6.13
C SER A 121 -8.57 -18.50 5.64
N SER A 122 -9.61 -18.87 6.41
CA SER A 122 -10.52 -19.90 5.94
C SER A 122 -11.60 -19.38 4.99
N ALA A 123 -11.56 -18.10 4.62
CA ALA A 123 -12.50 -17.59 3.65
C ALA A 123 -12.13 -18.06 2.24
N SER A 124 -13.02 -17.80 1.29
CA SER A 124 -12.82 -18.23 -0.10
C SER A 124 -12.39 -17.05 -0.97
N THR A 125 -11.65 -17.37 -2.02
CA THR A 125 -11.26 -16.35 -3.00
C THR A 125 -12.50 -15.91 -3.77
N LYS A 126 -12.58 -14.61 -4.05
CA LYS A 126 -13.66 -14.09 -4.90
C LYS A 126 -13.10 -13.00 -5.80
N GLY A 127 -13.28 -13.17 -7.12
CA GLY A 127 -12.84 -12.19 -8.08
C GLY A 127 -13.78 -11.00 -8.14
N PRO A 128 -13.29 -9.86 -8.61
CA PRO A 128 -14.11 -8.64 -8.56
C PRO A 128 -15.06 -8.54 -9.75
N SER A 129 -16.10 -7.73 -9.57
CA SER A 129 -16.87 -7.21 -10.68
C SER A 129 -16.46 -5.77 -10.89
N VAL A 130 -16.26 -5.37 -12.14
CA VAL A 130 -15.77 -4.03 -12.44
C VAL A 130 -16.88 -3.26 -13.15
N PHE A 131 -17.24 -2.11 -12.59
CA PHE A 131 -18.32 -1.29 -13.12
C PHE A 131 -17.77 0.06 -13.55
N PRO A 132 -18.31 0.64 -14.62
CA PRO A 132 -17.87 1.97 -15.04
C PRO A 132 -18.50 3.06 -14.19
N LEU A 133 -17.74 4.14 -14.01
CA LEU A 133 -18.22 5.38 -13.39
C LEU A 133 -18.17 6.41 -14.50
N ALA A 134 -19.25 6.51 -15.23
CA ALA A 134 -19.27 7.20 -16.50
C ALA A 134 -19.26 8.71 -16.29
N PRO A 135 -18.54 9.45 -17.10
CA PRO A 135 -18.64 10.91 -17.03
C PRO A 135 -19.99 11.35 -17.58
N SER A 136 -20.55 12.40 -17.00
CA SER A 136 -21.83 12.91 -17.48
C SER A 136 -21.79 14.43 -17.53
N SER A 137 -22.87 15.03 -18.04
CA SER A 137 -23.01 16.49 -18.08
C SER A 137 -23.19 17.04 -16.67
N LYS A 138 -23.20 16.14 -15.68
CA LYS A 138 -23.15 16.47 -14.26
C LYS A 138 -21.92 15.86 -13.58
N SER A 139 -20.95 15.40 -14.38
CA SER A 139 -19.66 14.93 -13.88
C SER A 139 -18.51 15.74 -14.47
N THR A 140 -18.81 16.88 -15.11
CA THR A 140 -17.82 17.72 -15.76
C THR A 140 -17.55 18.97 -14.95
N SER A 141 -16.28 19.36 -14.89
CA SER A 141 -15.88 20.69 -14.46
C SER A 141 -15.44 21.49 -15.69
N GLY A 142 -16.43 21.78 -16.54
CA GLY A 142 -16.19 22.50 -17.78
C GLY A 142 -15.29 21.76 -18.75
N GLY A 143 -14.04 22.23 -18.90
CA GLY A 143 -13.08 21.66 -19.83
C GLY A 143 -12.45 20.36 -19.41
N THR A 144 -12.71 19.87 -18.19
CA THR A 144 -12.23 18.56 -17.79
C THR A 144 -13.39 17.75 -17.25
N ALA A 145 -13.25 16.43 -17.34
CA ALA A 145 -14.29 15.50 -16.95
C ALA A 145 -13.66 14.40 -16.10
N ALA A 146 -14.40 13.94 -15.10
CA ALA A 146 -13.94 12.86 -14.24
C ALA A 146 -14.68 11.59 -14.60
N LEU A 147 -13.94 10.49 -14.67
CA LEU A 147 -14.52 9.19 -14.93
C LEU A 147 -13.74 8.18 -14.13
N GLY A 148 -14.32 6.99 -13.94
CA GLY A 148 -13.66 6.08 -13.03
C GLY A 148 -14.14 4.66 -13.22
N CYS A 149 -13.63 3.78 -12.33
CA CYS A 149 -14.00 2.38 -12.26
C CYS A 149 -14.28 2.00 -10.82
N LEU A 150 -15.33 1.23 -10.63
CA LEU A 150 -15.68 0.68 -9.33
C LEU A 150 -15.35 -0.81 -9.33
N VAL A 151 -14.52 -1.24 -8.38
CA VAL A 151 -14.03 -2.62 -8.34
C VAL A 151 -14.69 -3.26 -7.13
N LYS A 152 -15.71 -4.09 -7.37
CA LYS A 152 -16.65 -4.53 -6.32
C LYS A 152 -16.38 -5.96 -5.88
N ASP A 153 -16.37 -6.16 -4.55
CA ASP A 153 -16.62 -7.45 -3.89
C ASP A 153 -15.58 -8.51 -4.27
N TYR A 154 -14.34 -8.25 -3.85
CA TYR A 154 -13.26 -9.19 -4.09
C TYR A 154 -12.60 -9.58 -2.78
N PHE A 155 -11.89 -10.71 -2.82
CA PHE A 155 -11.13 -11.18 -1.67
C PHE A 155 -10.14 -12.23 -2.13
N PRO A 156 -8.91 -12.25 -1.60
CA PRO A 156 -8.33 -11.26 -0.67
C PRO A 156 -7.80 -10.06 -1.42
N GLU A 157 -7.19 -9.12 -0.72
CA GLU A 157 -6.34 -8.16 -1.38
C GLU A 157 -5.16 -8.89 -2.02
N PRO A 158 -4.51 -8.30 -3.03
CA PRO A 158 -4.77 -6.97 -3.56
C PRO A 158 -5.35 -6.93 -4.97
N VAL A 159 -5.87 -5.77 -5.34
CA VAL A 159 -6.16 -5.50 -6.74
CA VAL A 159 -6.24 -5.43 -6.71
C VAL A 159 -5.29 -4.33 -7.18
N THR A 160 -4.88 -4.37 -8.45
CA THR A 160 -4.15 -3.27 -9.03
C THR A 160 -4.98 -2.66 -10.14
N VAL A 161 -4.87 -1.35 -10.29
CA VAL A 161 -5.59 -0.61 -11.31
C VAL A 161 -4.61 0.27 -12.07
N SER A 162 -4.71 0.27 -13.40
CA SER A 162 -4.05 1.25 -14.22
C SER A 162 -5.08 1.80 -15.21
N TRP A 163 -4.75 2.91 -15.86
CA TRP A 163 -5.61 3.52 -16.87
C TRP A 163 -4.88 3.53 -18.20
N ASN A 164 -5.56 3.04 -19.25
CA ASN A 164 -4.97 2.97 -20.59
C ASN A 164 -3.56 2.36 -20.53
N SER A 165 -3.44 1.29 -19.74
CA SER A 165 -2.22 0.49 -19.65
C SER A 165 -1.04 1.29 -19.13
N GLY A 166 -1.32 2.30 -18.30
CA GLY A 166 -0.26 3.14 -17.76
C GLY A 166 0.07 4.36 -18.60
N ALA A 167 -0.54 4.51 -19.77
CA ALA A 167 -0.32 5.71 -20.58
C ALA A 167 -0.98 6.94 -19.97
N LEU A 168 -1.94 6.74 -19.08
CA LEU A 168 -2.57 7.82 -18.33
C LEU A 168 -2.18 7.68 -16.87
N THR A 169 -1.44 8.65 -16.34
CA THR A 169 -1.12 8.67 -14.93
C THR A 169 -1.34 10.02 -14.25
N SER A 170 -1.29 11.12 -14.98
CA SER A 170 -1.30 12.42 -14.33
C SER A 170 -2.62 12.68 -13.59
N GLY A 171 -3.73 12.41 -14.23
CA GLY A 171 -4.97 12.71 -13.54
C GLY A 171 -5.52 11.60 -12.65
N VAL A 172 -4.69 10.65 -12.21
CA VAL A 172 -5.17 9.38 -11.66
C VAL A 172 -5.07 9.37 -10.14
N HIS A 173 -6.13 8.89 -9.48
CA HIS A 173 -6.02 8.50 -8.08
C HIS A 173 -6.77 7.20 -7.87
N THR A 174 -6.09 6.20 -7.33
CA THR A 174 -6.74 4.95 -6.94
C THR A 174 -6.86 4.92 -5.42
N PHE A 175 -8.07 4.75 -4.95
CA PHE A 175 -8.36 4.82 -3.54
C PHE A 175 -8.05 3.50 -2.83
N PRO A 176 -7.78 3.57 -1.52
CA PRO A 176 -7.68 2.33 -0.74
C PRO A 176 -9.02 1.65 -0.69
N ALA A 177 -8.98 0.34 -0.42
CA ALA A 177 -10.20 -0.46 -0.40
C ALA A 177 -10.95 -0.29 0.91
N VAL A 178 -12.29 -0.39 0.84
CA VAL A 178 -13.13 -0.59 2.02
C VAL A 178 -13.32 -2.09 2.23
N LEU A 179 -13.28 -2.51 3.49
CA LEU A 179 -13.67 -3.85 3.87
C LEU A 179 -15.12 -3.81 4.32
N GLN A 180 -15.99 -4.51 3.61
CA GLN A 180 -17.42 -4.50 3.89
C GLN A 180 -17.79 -5.63 4.87
N SER A 181 -19.01 -5.56 5.40
CA SER A 181 -19.43 -6.56 6.39
C SER A 181 -19.55 -7.95 5.78
N SER A 182 -19.63 -8.04 4.47
CA SER A 182 -19.61 -9.34 3.80
C SER A 182 -18.25 -10.01 3.92
N GLY A 183 -17.23 -9.31 4.41
CA GLY A 183 -15.87 -9.79 4.38
C GLY A 183 -15.15 -9.55 3.07
N LEU A 184 -15.79 -8.86 2.12
CA LEU A 184 -15.26 -8.62 0.80
C LEU A 184 -14.86 -7.16 0.67
N TYR A 185 -13.85 -6.90 -0.16
CA TYR A 185 -13.33 -5.56 -0.40
C TYR A 185 -13.96 -4.93 -1.64
N SER A 186 -13.96 -3.60 -1.66
CA SER A 186 -14.27 -2.82 -2.86
C SER A 186 -13.35 -1.59 -2.88
N LEU A 187 -13.01 -1.14 -4.07
CA LEU A 187 -12.27 0.10 -4.21
C LEU A 187 -12.69 0.80 -5.49
N SER A 188 -12.22 2.03 -5.67
CA SER A 188 -12.49 2.79 -6.88
CA SER A 188 -12.46 2.73 -6.92
C SER A 188 -11.22 3.49 -7.33
N SER A 189 -11.19 3.84 -8.60
CA SER A 189 -10.11 4.62 -9.21
C SER A 189 -10.75 5.66 -10.10
N VAL A 190 -10.15 6.86 -10.12
CA VAL A 190 -10.71 7.97 -10.88
C VAL A 190 -9.59 8.65 -11.65
N VAL A 191 -9.94 9.19 -12.81
CA VAL A 191 -9.00 9.97 -13.61
C VAL A 191 -9.73 11.17 -14.19
N THR A 192 -9.03 12.30 -14.31
CA THR A 192 -9.57 13.51 -14.90
CA THR A 192 -9.58 13.50 -14.91
C THR A 192 -8.99 13.66 -16.31
N VAL A 193 -9.84 13.91 -17.29
CA VAL A 193 -9.41 13.99 -18.69
C VAL A 193 -10.07 15.20 -19.35
N PRO A 194 -9.53 15.64 -20.48
CA PRO A 194 -10.18 16.74 -21.20
C PRO A 194 -11.57 16.34 -21.68
N SER A 195 -12.55 17.18 -21.39
CA SER A 195 -13.90 16.94 -21.88
C SER A 195 -13.91 16.73 -23.39
N SER A 196 -13.06 17.48 -24.12
CA SER A 196 -13.03 17.39 -25.58
C SER A 196 -12.56 16.03 -26.07
N SER A 197 -11.78 15.30 -25.26
CA SER A 197 -11.28 14.00 -25.66
C SER A 197 -12.32 12.90 -25.56
N LEU A 198 -13.47 13.16 -24.93
CA LEU A 198 -14.43 12.09 -24.69
C LEU A 198 -14.97 11.51 -25.98
N GLY A 199 -14.98 12.30 -27.05
CA GLY A 199 -15.46 11.80 -28.33
C GLY A 199 -14.43 11.02 -29.11
N THR A 200 -13.13 11.20 -28.83
CA THR A 200 -12.07 10.63 -29.64
C THR A 200 -11.27 9.54 -28.94
N GLN A 201 -10.83 9.76 -27.70
CA GLN A 201 -9.98 8.79 -27.02
C GLN A 201 -10.81 7.74 -26.28
N THR A 202 -10.35 6.50 -26.32
CA THR A 202 -10.92 5.42 -25.54
C THR A 202 -10.30 5.41 -24.15
N TYR A 203 -11.11 5.31 -23.11
CA TYR A 203 -10.59 5.21 -21.75
C TYR A 203 -10.90 3.83 -21.18
N ILE A 204 -9.86 3.16 -20.68
CA ILE A 204 -9.98 1.79 -20.20
C ILE A 204 -9.31 1.70 -18.85
N CYS A 205 -9.99 1.13 -17.87
CA CYS A 205 -9.33 0.83 -16.62
C CYS A 205 -8.94 -0.64 -16.60
N ASN A 206 -7.67 -0.89 -16.32
CA ASN A 206 -7.10 -2.23 -16.34
C ASN A 206 -7.05 -2.72 -14.89
N VAL A 207 -7.85 -3.73 -14.58
CA VAL A 207 -7.99 -4.23 -13.21
C VAL A 207 -7.44 -5.65 -13.17
N ASN A 208 -6.51 -5.90 -12.25
CA ASN A 208 -5.95 -7.23 -12.04
C ASN A 208 -6.21 -7.70 -10.62
N HIS A 209 -6.70 -8.92 -10.48
CA HIS A 209 -6.85 -9.57 -9.17
C HIS A 209 -6.17 -10.93 -9.31
N LYS A 210 -4.86 -10.98 -9.04
CA LYS A 210 -4.11 -12.22 -9.20
C LYS A 210 -4.63 -13.41 -8.38
N PRO A 211 -5.09 -13.25 -7.12
CA PRO A 211 -5.59 -14.45 -6.39
C PRO A 211 -6.70 -15.20 -7.11
N SER A 212 -7.56 -14.52 -7.87
CA SER A 212 -8.62 -15.17 -8.62
C SER A 212 -8.29 -15.32 -10.10
N ASN A 213 -7.05 -15.01 -10.49
CA ASN A 213 -6.61 -15.10 -11.89
C ASN A 213 -7.54 -14.32 -12.80
N THR A 214 -8.00 -13.15 -12.34
CA THR A 214 -8.90 -12.26 -13.08
C THR A 214 -8.15 -11.05 -13.63
N LYS A 215 -8.35 -10.76 -14.92
CA LYS A 215 -7.93 -9.49 -15.52
C LYS A 215 -9.12 -8.91 -16.25
N VAL A 216 -9.47 -7.65 -15.95
CA VAL A 216 -10.57 -6.96 -16.59
C VAL A 216 -10.04 -5.69 -17.22
N ASP A 217 -10.42 -5.44 -18.48
CA ASP A 217 -10.14 -4.17 -19.17
C ASP A 217 -11.49 -3.54 -19.48
N LYS A 218 -11.90 -2.59 -18.64
CA LYS A 218 -13.27 -2.08 -18.66
C LYS A 218 -13.27 -0.74 -19.39
N LYS A 219 -13.97 -0.67 -20.51
CA LYS A 219 -14.11 0.59 -21.23
C LYS A 219 -15.09 1.47 -20.48
N VAL A 220 -14.72 2.71 -20.25
CA VAL A 220 -15.56 3.69 -19.57
C VAL A 220 -15.99 4.71 -20.59
N GLU A 221 -17.25 4.68 -20.98
CA GLU A 221 -17.70 5.58 -22.04
C GLU A 221 -18.77 6.53 -21.51
N PRO A 222 -18.97 7.68 -22.18
CA PRO A 222 -20.06 8.59 -21.83
C PRO A 222 -21.42 7.94 -22.09
N GLN B 1 4.61 -6.59 18.82
CA GLN B 1 5.76 -6.10 19.58
C GLN B 1 7.06 -6.29 18.79
N SER B 2 7.62 -5.19 18.29
CA SER B 2 8.85 -5.23 17.52
C SER B 2 10.06 -5.36 18.43
N ALA B 3 11.15 -5.93 17.88
CA ALA B 3 12.34 -6.14 18.69
C ALA B 3 13.01 -4.82 19.07
N LEU B 4 13.08 -3.89 18.13
CA LEU B 4 13.54 -2.54 18.41
C LEU B 4 12.34 -1.62 18.53
N THR B 5 12.46 -0.59 19.36
CA THR B 5 11.34 0.30 19.68
C THR B 5 11.55 1.66 19.04
N GLN B 6 10.63 2.06 18.17
CA GLN B 6 10.58 3.34 17.50
C GLN B 6 9.28 4.07 17.81
N PRO B 7 9.30 5.39 17.88
CA PRO B 7 8.05 6.14 17.98
C PRO B 7 7.19 5.88 16.76
N PRO B 8 5.89 5.65 16.94
CA PRO B 8 5.03 5.37 15.78
C PRO B 8 5.03 6.49 14.75
N SER B 9 5.25 7.73 15.16
CA SER B 9 5.14 8.84 14.24
C SER B 9 6.14 9.94 14.61
N ALA B 10 6.48 10.74 13.60
CA ALA B 10 7.33 11.90 13.75
C ALA B 10 6.94 12.89 12.66
N SER B 11 7.28 14.15 12.87
CA SER B 11 6.84 15.17 11.93
C SER B 11 7.77 16.38 11.95
N GLY B 12 7.72 17.14 10.88
CA GLY B 12 8.46 18.39 10.77
C GLY B 12 8.00 19.14 9.55
N SER B 13 8.49 20.36 9.41
CA SER B 13 8.15 21.22 8.30
C SER B 13 9.29 21.32 7.29
N PRO B 14 9.01 21.63 6.03
CA PRO B 14 10.07 21.73 5.03
C PRO B 14 11.21 22.62 5.50
N GLY B 15 12.44 22.18 5.24
CA GLY B 15 13.61 22.86 5.68
C GLY B 15 14.03 22.57 7.11
N GLN B 16 13.15 21.98 7.92
CA GLN B 16 13.50 21.65 9.30
C GLN B 16 14.25 20.32 9.38
N SER B 17 14.79 20.05 10.56
CA SER B 17 15.39 18.76 10.89
C SER B 17 14.45 17.97 11.80
N VAL B 18 14.50 16.66 11.65
CA VAL B 18 13.69 15.73 12.44
C VAL B 18 14.61 14.58 12.80
N THR B 19 14.49 14.07 14.03
CA THR B 19 15.28 12.94 14.46
C THR B 19 14.31 11.85 14.91
N ILE B 20 14.59 10.63 14.47
CA ILE B 20 13.79 9.45 14.79
C ILE B 20 14.68 8.51 15.59
N SER B 21 14.18 8.04 16.73
CA SER B 21 14.96 7.20 17.62
C SER B 21 14.59 5.73 17.45
N CYS B 22 15.49 4.88 17.92
CA CYS B 22 15.38 3.43 17.77
C CYS B 22 16.04 2.79 18.98
N THR B 23 15.26 2.26 19.91
CA THR B 23 15.81 1.77 21.16
C THR B 23 15.92 0.25 21.15
N GLY B 24 17.14 -0.25 21.35
CA GLY B 24 17.36 -1.67 21.51
C GLY B 24 17.99 -1.97 22.85
N THR B 25 18.83 -2.99 22.89
CA THR B 25 19.51 -3.41 24.11
C THR B 25 20.94 -3.81 23.73
N SER B 26 21.68 -4.32 24.71
CA SER B 26 23.04 -4.76 24.45
CA SER B 26 23.05 -4.73 24.40
C SER B 26 23.10 -6.02 23.59
N SER B 27 21.97 -6.70 23.37
CA SER B 27 22.03 -7.86 22.48
C SER B 27 21.82 -7.48 21.02
N ASP B 28 21.55 -6.20 20.73
CA ASP B 28 21.42 -5.77 19.33
C ASP B 28 22.05 -4.40 19.10
N VAL B 29 21.29 -3.31 19.17
CA VAL B 29 21.82 -1.97 18.87
C VAL B 29 23.08 -1.68 19.67
N GLY B 30 23.08 -2.03 20.96
CA GLY B 30 24.21 -1.76 21.82
C GLY B 30 25.30 -2.81 21.79
N GLY B 31 25.10 -3.93 21.10
CA GLY B 31 26.09 -4.98 21.07
C GLY B 31 27.05 -4.92 19.89
N TYR B 32 26.69 -4.18 18.84
CA TYR B 32 27.45 -4.14 17.59
C TYR B 32 27.32 -2.74 17.00
N ASN B 33 28.12 -2.47 15.97
CA ASN B 33 27.90 -1.27 15.16
C ASN B 33 27.31 -1.64 13.80
N TYR B 34 26.30 -2.50 13.84
CA TYR B 34 25.61 -2.95 12.64
C TYR B 34 24.17 -2.46 12.68
N VAL B 35 23.98 -1.16 12.82
CA VAL B 35 22.65 -0.54 12.79
C VAL B 35 22.40 -0.01 11.39
N SER B 36 21.23 -0.34 10.84
CA SER B 36 20.83 0.09 9.50
CA SER B 36 20.83 0.10 9.49
C SER B 36 19.45 0.74 9.57
N TRP B 37 19.17 1.63 8.62
CA TRP B 37 17.88 2.30 8.50
C TRP B 37 17.36 2.14 7.08
N TYR B 38 16.06 1.88 6.95
CA TYR B 38 15.40 1.70 5.66
C TYR B 38 14.22 2.67 5.54
N GLN B 39 14.01 3.17 4.32
CA GLN B 39 12.91 4.06 3.97
C GLN B 39 11.90 3.30 3.13
N GLN B 40 10.62 3.47 3.42
CA GLN B 40 9.57 2.78 2.67
C GLN B 40 8.44 3.73 2.33
N HIS B 41 8.26 4.01 1.03
CA HIS B 41 7.07 4.70 0.56
C HIS B 41 5.95 3.69 0.29
N PRO B 42 4.69 4.11 0.34
CA PRO B 42 3.57 3.15 0.30
C PRO B 42 3.59 2.32 -0.97
N GLY B 43 3.55 1.00 -0.80
CA GLY B 43 3.54 0.08 -1.92
C GLY B 43 4.87 -0.12 -2.62
N LYS B 44 5.95 0.42 -2.07
CA LYS B 44 7.26 0.36 -2.72
C LYS B 44 8.21 -0.51 -1.90
N ALA B 45 9.22 -1.02 -2.58
CA ALA B 45 10.28 -1.77 -1.92
C ALA B 45 10.99 -0.86 -0.91
N PRO B 46 11.27 -1.34 0.30
CA PRO B 46 12.14 -0.58 1.20
C PRO B 46 13.47 -0.27 0.54
N LYS B 47 14.06 0.86 0.93
CA LYS B 47 15.33 1.31 0.36
C LYS B 47 16.33 1.53 1.49
N LEU B 48 17.53 0.97 1.34
CA LEU B 48 18.58 1.18 2.32
C LEU B 48 19.01 2.64 2.33
N MET B 49 19.02 3.24 3.52
CA MET B 49 19.43 4.64 3.67
C MET B 49 20.73 4.82 4.45
N ILE B 50 20.95 4.01 5.48
CA ILE B 50 22.07 4.14 6.41
C ILE B 50 22.48 2.74 6.80
N TYR B 51 23.79 2.48 6.88
CA TYR B 51 24.26 1.22 7.43
C TYR B 51 25.47 1.48 8.31
N GLU B 52 25.83 0.46 9.09
CA GLU B 52 26.90 0.55 10.08
C GLU B 52 26.81 1.86 10.86
N VAL B 53 25.62 2.13 11.39
CA VAL B 53 25.30 3.27 12.25
C VAL B 53 25.22 4.59 11.49
N SER B 54 26.27 4.93 10.74
CA SER B 54 26.37 6.26 10.16
C SER B 54 26.81 6.31 8.70
N LYS B 55 26.99 5.17 8.04
CA LYS B 55 27.45 5.16 6.66
C LYS B 55 26.28 5.30 5.69
N ARG B 56 26.48 6.07 4.62
CA ARG B 56 25.46 6.25 3.60
C ARG B 56 25.85 5.52 2.32
N PRO B 57 24.94 4.76 1.70
CA PRO B 57 25.23 4.22 0.38
C PRO B 57 25.44 5.34 -0.63
N SER B 58 26.09 5.00 -1.73
CA SER B 58 26.13 5.92 -2.86
C SER B 58 24.71 6.20 -3.33
N GLY B 59 24.39 7.48 -3.49
CA GLY B 59 23.10 7.89 -3.98
C GLY B 59 22.11 8.28 -2.90
N VAL B 60 22.44 8.12 -1.63
CA VAL B 60 21.57 8.63 -0.57
C VAL B 60 22.04 10.05 -0.24
N PRO B 61 21.15 11.05 -0.26
CA PRO B 61 21.58 12.43 -0.07
C PRO B 61 22.15 12.65 1.32
N ASP B 62 23.08 13.60 1.42
CA ASP B 62 23.81 13.77 2.67
C ASP B 62 22.95 14.34 3.80
N ARG B 63 21.72 14.78 3.52
CA ARG B 63 20.87 15.25 4.61
C ARG B 63 20.30 14.12 5.47
N PHE B 64 20.49 12.87 5.07
CA PHE B 64 20.24 11.73 5.96
C PHE B 64 21.52 11.38 6.70
N SER B 65 21.44 11.31 8.03
CA SER B 65 22.60 10.91 8.83
C SER B 65 22.13 10.00 9.96
N GLY B 66 23.05 9.17 10.46
CA GLY B 66 22.73 8.27 11.54
C GLY B 66 23.76 8.34 12.64
N SER B 67 23.30 8.05 13.87
CA SER B 67 24.16 8.04 15.03
C SER B 67 23.61 7.03 16.04
N LYS B 68 24.36 6.81 17.12
CA LYS B 68 23.80 6.02 18.20
C LYS B 68 24.47 6.42 19.50
N SER B 69 23.72 6.28 20.59
CA SER B 69 24.21 6.54 21.93
C SER B 69 23.83 5.35 22.80
N GLY B 70 24.81 4.53 23.15
CA GLY B 70 24.52 3.35 23.93
C GLY B 70 23.62 2.39 23.17
N ASN B 71 22.44 2.14 23.72
CA ASN B 71 21.52 1.16 23.15
C ASN B 71 20.46 1.79 22.25
N THR B 72 20.61 3.06 21.90
CA THR B 72 19.63 3.78 21.10
C THR B 72 20.28 4.38 19.86
N ALA B 73 19.70 4.13 18.70
CA ALA B 73 20.17 4.70 17.45
C ALA B 73 19.21 5.79 16.99
N SER B 74 19.71 6.70 16.15
CA SER B 74 18.92 7.84 15.72
C SER B 74 19.16 8.14 14.26
N LEU B 75 18.08 8.35 13.53
CA LEU B 75 18.13 8.82 12.15
C LEU B 75 17.74 10.28 12.15
N THR B 76 18.57 11.14 11.58
CA THR B 76 18.26 12.56 11.43
C THR B 76 18.09 12.90 9.96
N VAL B 77 17.00 13.59 9.64
CA VAL B 77 16.75 14.11 8.31
C VAL B 77 16.83 15.64 8.39
N SER B 78 17.91 16.20 7.85
CA SER B 78 18.01 17.65 7.77
C SER B 78 17.38 18.15 6.48
N GLY B 79 16.99 19.42 6.48
CA GLY B 79 16.37 20.01 5.31
C GLY B 79 15.21 19.18 4.78
N LEU B 80 14.22 18.95 5.64
CA LEU B 80 13.11 18.08 5.28
C LEU B 80 12.45 18.54 3.99
N GLN B 81 12.14 17.57 3.12
CA GLN B 81 11.44 17.79 1.87
C GLN B 81 10.20 16.91 1.83
N ALA B 82 9.20 17.35 1.06
CA ALA B 82 7.93 16.63 1.04
C ALA B 82 8.12 15.15 0.70
N GLU B 83 9.05 14.85 -0.20
CA GLU B 83 9.27 13.45 -0.62
C GLU B 83 9.80 12.58 0.51
N ASP B 84 10.33 13.17 1.60
CA ASP B 84 10.80 12.37 2.72
C ASP B 84 9.67 11.79 3.54
N GLU B 85 8.44 12.25 3.34
CA GLU B 85 7.29 11.64 4.00
C GLU B 85 7.22 10.18 3.60
N ALA B 86 7.31 9.29 4.59
CA ALA B 86 7.52 7.86 4.36
C ALA B 86 7.61 7.17 5.72
N ASP B 87 7.66 5.84 5.69
CA ASP B 87 7.97 5.06 6.89
C ASP B 87 9.45 4.76 6.94
N TYR B 88 10.02 4.83 8.13
CA TYR B 88 11.43 4.56 8.37
C TYR B 88 11.56 3.46 9.41
N PHE B 89 12.37 2.44 9.11
CA PHE B 89 12.57 1.27 9.95
C PHE B 89 14.05 1.18 10.32
N CYS B 90 14.34 1.03 11.61
CA CYS B 90 15.69 0.73 12.01
C CYS B 90 15.89 -0.78 12.10
N SER B 91 17.15 -1.19 12.14
CA SER B 91 17.51 -2.60 12.12
CA SER B 91 17.47 -2.62 12.22
C SER B 91 18.86 -2.77 12.80
N SER B 92 19.12 -3.97 13.33
CA SER B 92 20.43 -4.25 13.93
C SER B 92 20.74 -5.73 13.82
N TYR B 93 22.02 -6.06 13.69
CA TYR B 93 22.42 -7.42 14.00
C TYR B 93 22.09 -7.71 15.46
N ALA B 94 21.73 -8.96 15.75
CA ALA B 94 21.30 -9.34 17.08
C ALA B 94 21.97 -10.62 17.56
N GLY B 95 23.11 -11.00 16.95
CA GLY B 95 23.72 -12.27 17.27
C GLY B 95 22.93 -13.47 16.77
N SER B 96 23.58 -14.64 16.74
CA SER B 96 22.92 -15.88 16.31
CA SER B 96 22.95 -15.89 16.30
C SER B 96 22.39 -15.79 14.89
N ASN B 97 23.09 -15.02 14.03
CA ASN B 97 22.76 -14.86 12.61
C ASN B 97 21.40 -14.19 12.38
N ASN B 98 20.90 -13.50 13.40
CA ASN B 98 19.60 -12.86 13.38
C ASN B 98 19.75 -11.38 13.08
N VAL B 99 18.82 -10.83 12.31
CA VAL B 99 18.69 -9.40 12.11
C VAL B 99 17.32 -8.99 12.63
N VAL B 100 17.28 -7.99 13.51
CA VAL B 100 16.02 -7.53 14.11
C VAL B 100 15.70 -6.15 13.56
N PHE B 101 14.42 -5.78 13.68
CA PHE B 101 13.89 -4.53 13.16
C PHE B 101 13.08 -3.77 14.21
N GLY B 102 12.95 -2.46 13.97
CA GLY B 102 11.96 -1.68 14.67
C GLY B 102 10.57 -1.81 14.04
N GLY B 103 9.58 -1.21 14.72
CA GLY B 103 8.20 -1.26 14.26
C GLY B 103 7.84 -0.24 13.20
N GLY B 104 8.73 0.69 12.91
CA GLY B 104 8.47 1.73 11.92
C GLY B 104 8.02 3.04 12.52
N THR B 105 8.47 4.13 11.90
CA THR B 105 8.04 5.48 12.23
C THR B 105 7.50 6.12 10.97
N LYS B 106 6.24 6.57 11.00
CA LYS B 106 5.69 7.34 9.88
C LYS B 106 6.10 8.79 10.05
N LEU B 107 6.93 9.28 9.13
CA LEU B 107 7.37 10.66 9.13
C LEU B 107 6.44 11.48 8.24
N THR B 108 5.79 12.49 8.82
CA THR B 108 4.91 13.38 8.08
C THR B 108 5.59 14.73 7.90
N VAL B 109 5.49 15.29 6.68
CA VAL B 109 6.02 16.61 6.41
C VAL B 109 4.86 17.59 6.44
N LEU B 110 4.97 18.61 7.29
CA LEU B 110 3.88 19.51 7.63
C LEU B 110 4.01 20.82 6.86
N GLY B 111 3.32 21.86 7.33
CA GLY B 111 3.39 23.17 6.73
C GLY B 111 2.49 23.41 5.53
N GLN B 112 1.65 22.44 5.17
CA GLN B 112 0.76 22.67 4.03
C GLN B 112 -0.40 23.57 4.45
N PRO B 113 -0.75 24.57 3.65
CA PRO B 113 -1.92 25.40 3.96
C PRO B 113 -3.21 24.67 3.67
N LYS B 114 -4.30 25.25 4.18
CA LYS B 114 -5.63 24.65 4.04
C LYS B 114 -6.05 24.61 2.58
N ALA B 115 -6.67 23.49 2.18
CA ALA B 115 -7.16 23.27 0.83
C ALA B 115 -8.56 22.67 0.91
N ALA B 116 -9.46 23.18 0.10
CA ALA B 116 -10.87 22.81 0.13
C ALA B 116 -11.13 21.58 -0.73
N PRO B 117 -12.05 20.73 -0.31
CA PRO B 117 -12.34 19.52 -1.09
C PRO B 117 -13.19 19.82 -2.31
N SER B 118 -12.96 19.01 -3.36
CA SER B 118 -13.90 18.85 -4.47
C SER B 118 -14.61 17.50 -4.33
N VAL B 119 -15.86 17.46 -4.77
CA VAL B 119 -16.71 16.28 -4.59
C VAL B 119 -17.26 15.85 -5.93
N THR B 120 -17.10 14.58 -6.26
CA THR B 120 -17.64 13.99 -7.47
C THR B 120 -18.51 12.79 -7.07
N LEU B 121 -19.77 12.81 -7.49
CA LEU B 121 -20.75 11.81 -7.08
C LEU B 121 -21.23 11.03 -8.29
N PHE B 122 -21.08 9.69 -8.27
CA PHE B 122 -21.53 8.86 -9.39
C PHE B 122 -22.72 7.99 -8.99
N PRO B 123 -23.73 7.89 -9.86
CA PRO B 123 -24.86 6.99 -9.60
C PRO B 123 -24.48 5.56 -9.91
N PRO B 124 -25.34 4.59 -9.60
CA PRO B 124 -25.07 3.20 -9.99
C PRO B 124 -25.05 3.06 -11.50
N SER B 125 -24.17 2.19 -11.99
CA SER B 125 -24.12 1.83 -13.39
C SER B 125 -25.27 0.90 -13.76
N SER B 126 -25.62 0.90 -15.05
CA SER B 126 -26.60 -0.05 -15.55
C SER B 126 -26.20 -1.49 -15.24
N GLU B 127 -24.92 -1.81 -15.44
CA GLU B 127 -24.44 -3.17 -15.22
CA GLU B 127 -24.45 -3.17 -15.23
C GLU B 127 -24.61 -3.60 -13.77
N GLU B 128 -24.34 -2.70 -12.82
CA GLU B 128 -24.51 -3.10 -11.42
C GLU B 128 -25.98 -3.30 -11.09
N LEU B 129 -26.85 -2.42 -11.58
CA LEU B 129 -28.28 -2.59 -11.34
C LEU B 129 -28.78 -3.91 -11.91
N GLN B 130 -28.26 -4.32 -13.06
CA GLN B 130 -28.65 -5.62 -13.61
C GLN B 130 -28.14 -6.78 -12.77
N ALA B 131 -27.06 -6.57 -12.00
CA ALA B 131 -26.59 -7.57 -11.06
C ALA B 131 -27.32 -7.52 -9.73
N ASN B 132 -28.46 -6.82 -9.69
CA ASN B 132 -29.30 -6.70 -8.49
C ASN B 132 -28.58 -5.99 -7.35
N LYS B 133 -27.72 -5.03 -7.68
CA LYS B 133 -27.01 -4.25 -6.68
C LYS B 133 -26.99 -2.78 -7.11
N ALA B 134 -26.64 -1.92 -6.17
CA ALA B 134 -26.58 -0.49 -6.47
C ALA B 134 -25.62 0.16 -5.48
N THR B 135 -24.55 0.77 -6.00
CA THR B 135 -23.56 1.46 -5.18
C THR B 135 -23.43 2.88 -5.71
N LEU B 136 -23.69 3.86 -4.85
CA LEU B 136 -23.37 5.24 -5.17
C LEU B 136 -21.95 5.50 -4.67
N VAL B 137 -21.18 6.23 -5.47
CA VAL B 137 -19.75 6.43 -5.19
C VAL B 137 -19.47 7.93 -5.07
N CYS B 138 -19.01 8.34 -3.90
CA CYS B 138 -18.71 9.75 -3.61
C CYS B 138 -17.20 9.89 -3.46
N LEU B 139 -16.57 10.60 -4.39
CA LEU B 139 -15.13 10.79 -4.37
C LEU B 139 -14.80 12.22 -3.96
N ILE B 140 -13.92 12.36 -2.97
CA ILE B 140 -13.57 13.63 -2.36
C ILE B 140 -12.08 13.86 -2.58
N SER B 141 -11.71 15.01 -3.13
CA SER B 141 -10.33 15.18 -3.54
C SER B 141 -9.79 16.55 -3.20
N ASP B 142 -8.46 16.63 -3.15
CA ASP B 142 -7.70 17.90 -3.13
C ASP B 142 -7.89 18.68 -1.83
N PHE B 143 -8.00 18.01 -0.70
CA PHE B 143 -8.21 18.74 0.55
C PHE B 143 -7.04 18.58 1.53
N TYR B 144 -6.94 19.57 2.43
CA TYR B 144 -5.93 19.56 3.48
C TYR B 144 -6.43 20.45 4.60
N PRO B 145 -6.37 20.02 5.88
CA PRO B 145 -5.84 18.76 6.40
C PRO B 145 -6.67 17.52 6.03
N GLY B 146 -6.12 16.35 6.34
CA GLY B 146 -6.70 15.10 5.87
C GLY B 146 -7.73 14.53 6.82
N ALA B 147 -8.80 15.28 7.06
CA ALA B 147 -9.88 14.86 7.96
C ALA B 147 -11.19 15.36 7.40
N VAL B 148 -12.12 14.44 7.16
CA VAL B 148 -13.46 14.76 6.65
C VAL B 148 -14.44 13.86 7.37
N THR B 149 -15.70 14.26 7.35
CA THR B 149 -16.81 13.35 7.60
C THR B 149 -17.75 13.41 6.40
N VAL B 150 -18.45 12.31 6.14
CA VAL B 150 -19.30 12.20 4.97
C VAL B 150 -20.70 11.79 5.42
N ALA B 151 -21.72 12.51 4.96
CA ALA B 151 -23.11 12.19 5.30
C ALA B 151 -23.90 11.95 4.02
N TRP B 152 -24.77 10.95 4.07
CA TRP B 152 -25.62 10.59 2.94
C TRP B 152 -27.08 10.85 3.27
N LYS B 153 -27.83 11.19 2.22
CA LYS B 153 -29.26 11.40 2.33
C LYS B 153 -29.99 10.69 1.20
N ALA B 154 -31.14 10.11 1.54
CA ALA B 154 -32.12 9.62 0.58
C ALA B 154 -33.26 10.64 0.55
N ASP B 155 -33.45 11.29 -0.59
CA ASP B 155 -34.22 12.53 -0.66
C ASP B 155 -33.61 13.47 0.38
N SER B 156 -34.35 13.83 1.42
CA SER B 156 -33.77 14.70 2.44
C SER B 156 -33.57 13.98 3.77
N SER B 157 -33.70 12.67 3.81
CA SER B 157 -33.61 11.90 5.05
C SER B 157 -32.22 11.32 5.19
N PRO B 158 -31.55 11.53 6.32
CA PRO B 158 -30.26 10.88 6.53
C PRO B 158 -30.41 9.37 6.47
N VAL B 159 -29.49 8.72 5.78
CA VAL B 159 -29.60 7.28 5.60
C VAL B 159 -29.41 6.57 6.94
N LYS B 160 -29.99 5.37 7.05
CA LYS B 160 -29.91 4.63 8.29
C LYS B 160 -28.86 3.51 8.28
N ALA B 161 -28.22 3.25 7.13
CA ALA B 161 -27.20 2.20 7.02
C ALA B 161 -26.62 2.14 5.62
N GLY B 162 -25.67 1.23 5.39
CA GLY B 162 -25.13 0.94 4.08
C GLY B 162 -23.98 1.81 3.63
N VAL B 163 -23.39 2.61 4.53
CA VAL B 163 -22.32 3.55 4.20
C VAL B 163 -20.98 2.92 4.59
N GLU B 164 -19.99 3.03 3.70
CA GLU B 164 -18.60 2.72 4.01
C GLU B 164 -17.73 3.84 3.46
N THR B 165 -16.88 4.40 4.32
CA THR B 165 -16.04 5.55 4.00
C THR B 165 -14.58 5.22 4.30
N THR B 166 -13.66 5.63 3.41
CA THR B 166 -12.24 5.37 3.61
C THR B 166 -11.59 6.48 4.43
N THR B 167 -10.47 6.14 5.06
CA THR B 167 -9.62 7.14 5.70
C THR B 167 -8.86 7.92 4.63
N PRO B 168 -8.76 9.24 4.76
CA PRO B 168 -8.05 10.02 3.72
C PRO B 168 -6.60 9.57 3.57
N SER B 169 -6.14 9.55 2.33
CA SER B 169 -4.74 9.27 2.03
C SER B 169 -4.25 10.25 0.97
N LYS B 170 -2.92 10.33 0.84
CA LYS B 170 -2.31 11.35 0.00
C LYS B 170 -2.47 11.05 -1.49
N GLN B 171 -2.77 12.10 -2.25
CA GLN B 171 -2.72 12.10 -3.70
C GLN B 171 -1.29 12.37 -4.19
N SER B 172 -1.09 12.23 -5.51
CA SER B 172 0.23 12.50 -6.08
CA SER B 172 0.22 12.50 -6.10
C SER B 172 0.66 13.93 -5.84
N ASN B 173 -0.29 14.88 -5.75
CA ASN B 173 0.02 16.29 -5.53
C ASN B 173 0.13 16.66 -4.06
N ASN B 174 0.16 15.67 -3.17
CA ASN B 174 0.39 15.79 -1.73
C ASN B 174 -0.79 16.36 -0.95
N LYS B 175 -1.94 16.58 -1.59
CA LYS B 175 -3.18 16.81 -0.85
C LYS B 175 -3.88 15.47 -0.64
N TYR B 176 -4.98 15.48 0.12
CA TYR B 176 -5.67 14.25 0.51
C TYR B 176 -6.90 13.99 -0.37
N ALA B 177 -7.24 12.71 -0.46
CA ALA B 177 -8.48 12.26 -1.09
C ALA B 177 -9.11 11.22 -0.18
N ALA B 178 -10.43 11.09 -0.27
CA ALA B 178 -11.15 10.01 0.40
C ALA B 178 -12.34 9.60 -0.45
N SER B 179 -12.97 8.49 -0.06
CA SER B 179 -14.07 7.95 -0.84
C SER B 179 -15.14 7.42 0.12
N SER B 180 -16.39 7.43 -0.34
CA SER B 180 -17.50 6.91 0.47
C SER B 180 -18.47 6.23 -0.48
N TYR B 181 -19.05 5.15 -0.01
CA TYR B 181 -19.94 4.30 -0.79
C TYR B 181 -21.27 4.16 -0.06
N LEU B 182 -22.37 4.28 -0.80
CA LEU B 182 -23.71 4.00 -0.29
C LEU B 182 -24.27 2.80 -1.04
N SER B 183 -24.49 1.70 -0.32
CA SER B 183 -25.04 0.49 -0.90
C SER B 183 -26.56 0.47 -0.75
N LEU B 184 -27.26 0.29 -1.86
CA LEU B 184 -28.71 0.27 -1.90
C LEU B 184 -29.18 -0.94 -2.68
N THR B 185 -30.44 -1.30 -2.50
CA THR B 185 -31.04 -2.17 -3.50
C THR B 185 -31.42 -1.36 -4.73
N PRO B 186 -31.57 -2.01 -5.89
CA PRO B 186 -32.11 -1.30 -7.04
C PRO B 186 -33.47 -0.68 -6.77
N GLU B 187 -34.30 -1.33 -5.94
CA GLU B 187 -35.63 -0.80 -5.65
C GLU B 187 -35.55 0.49 -4.85
N GLN B 188 -34.64 0.55 -3.87
CA GLN B 188 -34.44 1.79 -3.13
C GLN B 188 -33.97 2.91 -4.03
N TRP B 189 -32.98 2.62 -4.89
CA TRP B 189 -32.44 3.63 -5.79
C TRP B 189 -33.54 4.22 -6.68
N LYS B 190 -34.41 3.36 -7.23
CA LYS B 190 -35.42 3.82 -8.17
C LYS B 190 -36.60 4.50 -7.48
N SER B 191 -36.79 4.30 -6.19
CA SER B 191 -38.01 4.76 -5.53
C SER B 191 -37.84 6.09 -4.79
N HIS B 192 -36.66 6.70 -4.82
CA HIS B 192 -36.47 8.04 -4.28
C HIS B 192 -36.22 9.02 -5.40
N ARG B 193 -36.46 10.30 -5.13
CA ARG B 193 -36.25 11.28 -6.17
C ARG B 193 -34.78 11.68 -6.30
N SER B 194 -33.99 11.54 -5.25
CA SER B 194 -32.58 11.89 -5.33
C SER B 194 -31.86 11.34 -4.12
N TYR B 195 -30.54 11.22 -4.26
CA TYR B 195 -29.63 10.91 -3.18
C TYR B 195 -28.53 11.96 -3.15
N SER B 196 -27.98 12.25 -1.96
CA SER B 196 -26.95 13.26 -1.81
CA SER B 196 -26.94 13.24 -1.83
C SER B 196 -25.79 12.73 -0.97
N CYS B 197 -24.59 13.20 -1.31
CA CYS B 197 -23.39 12.96 -0.52
C CYS B 197 -22.87 14.31 -0.08
N GLN B 198 -22.67 14.48 1.22
CA GLN B 198 -22.23 15.77 1.75
C GLN B 198 -20.95 15.57 2.55
N VAL B 199 -19.90 16.29 2.20
CA VAL B 199 -18.63 16.20 2.91
CA VAL B 199 -18.64 16.19 2.91
C VAL B 199 -18.49 17.41 3.81
N THR B 200 -18.02 17.18 5.04
CA THR B 200 -17.72 18.24 5.97
C THR B 200 -16.20 18.31 6.12
N HIS B 201 -15.62 19.47 5.84
CA HIS B 201 -14.18 19.67 5.96
C HIS B 201 -13.95 20.99 6.67
N GLU B 202 -13.30 20.93 7.83
CA GLU B 202 -12.94 22.14 8.59
C GLU B 202 -14.12 23.08 8.75
N GLY B 203 -15.28 22.52 9.11
CA GLY B 203 -16.46 23.32 9.39
C GLY B 203 -17.26 23.78 8.19
N SER B 204 -16.87 23.45 6.96
CA SER B 204 -17.61 23.81 5.76
C SER B 204 -18.08 22.53 5.09
N THR B 205 -19.18 22.63 4.33
CA THR B 205 -19.74 21.45 3.69
C THR B 205 -19.90 21.68 2.19
N VAL B 206 -19.69 20.62 1.42
CA VAL B 206 -19.96 20.56 -0.01
C VAL B 206 -20.86 19.36 -0.25
N GLU B 207 -21.99 19.58 -0.92
CA GLU B 207 -22.98 18.52 -1.14
C GLU B 207 -23.25 18.39 -2.62
N LYS B 208 -23.24 17.15 -3.11
CA LYS B 208 -23.62 16.85 -4.49
C LYS B 208 -24.83 15.92 -4.46
N THR B 209 -25.68 16.01 -5.48
CA THR B 209 -26.91 15.21 -5.56
C THR B 209 -26.97 14.51 -6.91
N VAL B 210 -27.56 13.30 -6.92
CA VAL B 210 -27.81 12.57 -8.15
CA VAL B 210 -27.81 12.56 -8.14
C VAL B 210 -29.26 12.06 -8.12
N ALA B 211 -29.82 11.86 -9.30
CA ALA B 211 -31.21 11.41 -9.37
C ALA B 211 -31.33 10.24 -10.34
N PRO B 212 -32.13 9.22 -10.01
CA PRO B 212 -32.29 8.11 -10.96
C PRO B 212 -32.89 8.55 -12.28
N THR B 213 -33.65 9.63 -12.29
CA THR B 213 -34.30 10.11 -13.50
C THR B 213 -33.49 11.17 -14.25
#